data_8IBJ
#
_entry.id   8IBJ
#
_cell.length_a   43.789
_cell.length_b   62.405
_cell.length_c   157.247
_cell.angle_alpha   90.00
_cell.angle_beta   90.00
_cell.angle_gamma   90.00
#
_symmetry.space_group_name_H-M   'I 2 2 2'
#
loop_
_entity.id
_entity.type
_entity.pdbx_description
1 polymer 'PET hydrolase'
2 water water
#
_entity_poly.entity_id   1
_entity_poly.type   'polypeptide(L)'
_entity_poly.pdbx_seq_one_letter_code
;EFNPYQKGPDPTASALERNGPFAIRSTSVSRTSVSGFGGGRLYYPTASGTYGAIAVSPGFTGTSSTMTFWGERLASHGFV
VLVIDTITLYDQPDSRARQLKAALDYLATQNGRSSSPIYRKVDTSRRAVAGHAMGGGGSLLAARDNPSYKAAIPMAPWAT
SSTAFRTVSVPTMIFGCQDDSIAPVFSSAIPIYNAIPNSTRKNYVEIRNDDHLCVMNGGGHDATLGKLGISWMKRFVDND
TRYSPFVCGAEYNRVVSSYEVSRSYNNCPY
;
_entity_poly.pdbx_strand_id   A
#
# COMPACT_ATOMS: atom_id res chain seq x y z
N PHE A 2 -12.14 -18.32 -13.19
CA PHE A 2 -11.59 -18.61 -11.84
C PHE A 2 -10.24 -17.90 -11.66
N ASN A 3 -10.28 -16.72 -11.03
CA ASN A 3 -9.09 -16.04 -10.46
C ASN A 3 -8.65 -16.80 -9.22
N PRO A 4 -7.51 -17.54 -9.25
CA PRO A 4 -7.06 -18.29 -8.08
C PRO A 4 -6.68 -17.42 -6.88
N TYR A 5 -6.55 -16.10 -7.05
CA TYR A 5 -6.04 -15.20 -6.00
C TYR A 5 -7.19 -14.44 -5.36
N GLN A 6 -8.39 -14.64 -5.87
CA GLN A 6 -9.57 -13.88 -5.43
C GLN A 6 -9.95 -14.30 -4.01
N LYS A 7 -10.23 -13.32 -3.16
CA LYS A 7 -10.58 -13.54 -1.74
C LYS A 7 -11.64 -12.56 -1.27
N GLY A 8 -12.52 -13.04 -0.41
CA GLY A 8 -13.51 -12.17 0.24
C GLY A 8 -14.75 -12.10 -0.61
N PRO A 9 -15.82 -11.50 -0.04
CA PRO A 9 -17.11 -11.47 -0.68
C PRO A 9 -17.07 -10.42 -1.80
N ASP A 10 -17.99 -10.52 -2.75
CA ASP A 10 -18.15 -9.49 -3.79
C ASP A 10 -18.27 -8.12 -3.14
N PRO A 11 -17.53 -7.10 -3.63
CA PRO A 11 -17.37 -5.84 -2.90
C PRO A 11 -18.58 -4.89 -2.90
N THR A 12 -18.71 -4.15 -1.80
CA THR A 12 -19.66 -3.03 -1.64
C THR A 12 -18.92 -1.81 -1.07
N ALA A 13 -19.42 -0.60 -1.35
CA ALA A 13 -18.80 0.63 -0.83
C ALA A 13 -18.66 0.54 0.70
N SER A 14 -19.76 0.23 1.39
CA SER A 14 -19.83 0.20 2.88
C SER A 14 -18.80 -0.79 3.44
N ALA A 15 -18.63 -1.96 2.84
CA ALA A 15 -17.71 -3.01 3.36
C ALA A 15 -16.27 -2.55 3.25
N LEU A 16 -16.02 -1.61 2.33
CA LEU A 16 -14.67 -1.09 2.01
C LEU A 16 -14.36 0.13 2.87
N GLU A 17 -15.37 0.68 3.54
CA GLU A 17 -15.28 1.89 4.40
C GLU A 17 -15.08 1.48 5.88
N ARG A 18 -14.83 0.21 6.16
CA ARG A 18 -14.63 -0.31 7.54
C ARG A 18 -13.60 -1.43 7.50
N ASN A 19 -13.18 -1.92 8.67
CA ASN A 19 -12.36 -3.16 8.77
C ASN A 19 -13.11 -4.30 8.04
N GLY A 20 -12.36 -5.15 7.34
CA GLY A 20 -12.93 -6.15 6.39
C GLY A 20 -13.30 -7.44 7.09
N PRO A 21 -13.78 -8.46 6.36
CA PRO A 21 -14.29 -9.68 6.99
C PRO A 21 -13.25 -10.72 7.45
N PHE A 22 -11.96 -10.51 7.19
CA PHE A 22 -10.87 -11.40 7.67
C PHE A 22 -10.47 -11.00 9.09
N ALA A 23 -10.66 -11.92 10.01
CA ALA A 23 -10.09 -11.77 11.37
C ALA A 23 -8.58 -11.77 11.18
N ILE A 24 -7.91 -10.85 11.87
CA ILE A 24 -6.44 -10.66 11.75
C ILE A 24 -5.85 -10.76 13.15
N ARG A 25 -4.59 -11.12 13.19
CA ARG A 25 -3.76 -10.94 14.39
C ARG A 25 -2.67 -9.96 13.97
N SER A 26 -2.09 -9.25 14.94
CA SER A 26 -0.84 -8.49 14.72
C SER A 26 0.25 -8.97 15.69
N THR A 27 1.48 -8.99 15.21
CA THR A 27 2.68 -9.18 16.06
C THR A 27 3.69 -8.09 15.75
N SER A 28 4.59 -7.90 16.73
CA SER A 28 5.74 -6.97 16.62
CA SER A 28 5.73 -6.96 16.58
C SER A 28 6.87 -7.71 15.90
N VAL A 29 7.51 -7.07 14.94
CA VAL A 29 8.78 -7.61 14.39
C VAL A 29 9.86 -6.76 15.06
N SER A 30 10.74 -7.37 15.84
CA SER A 30 11.75 -6.64 16.63
C SER A 30 12.88 -6.16 15.70
N ARG A 31 13.43 -5.00 16.02
CA ARG A 31 14.69 -4.48 15.40
C ARG A 31 15.75 -5.56 15.44
N THR A 32 15.91 -6.27 16.57
CA THR A 32 17.02 -7.26 16.71
C THR A 32 16.84 -8.44 15.74
N SER A 33 15.63 -8.71 15.25
CA SER A 33 15.44 -9.88 14.36
C SER A 33 15.80 -9.55 12.90
N VAL A 34 15.89 -8.27 12.48
CA VAL A 34 16.01 -7.92 11.03
C VAL A 34 17.13 -6.89 10.82
N SER A 35 17.92 -7.04 9.73
CA SER A 35 19.07 -6.15 9.41
C SER A 35 18.67 -5.08 8.35
N GLY A 36 17.64 -5.31 7.53
CA GLY A 36 17.33 -4.48 6.34
C GLY A 36 16.28 -3.42 6.62
N PHE A 37 15.75 -3.40 7.84
CA PHE A 37 14.74 -2.41 8.31
C PHE A 37 14.69 -2.39 9.84
N GLY A 38 13.87 -1.49 10.39
CA GLY A 38 13.75 -1.22 11.84
C GLY A 38 12.63 -2.03 12.50
N GLY A 39 12.34 -3.24 11.98
CA GLY A 39 11.22 -4.08 12.44
C GLY A 39 9.89 -3.44 12.12
N GLY A 40 8.86 -3.71 12.93
CA GLY A 40 7.56 -3.05 12.76
C GLY A 40 6.42 -3.92 13.24
N ARG A 41 5.22 -3.69 12.69
CA ARG A 41 3.98 -4.40 13.07
C ARG A 41 3.53 -5.22 11.86
N LEU A 42 3.37 -6.52 12.08
CA LEU A 42 2.88 -7.50 11.09
C LEU A 42 1.40 -7.79 11.42
N TYR A 43 0.53 -7.55 10.45
CA TYR A 43 -0.92 -7.85 10.50
C TYR A 43 -1.18 -8.95 9.49
N TYR A 44 -1.96 -9.97 9.84
CA TYR A 44 -2.21 -11.10 8.92
C TYR A 44 -3.57 -11.72 9.16
N PRO A 45 -4.22 -12.26 8.12
CA PRO A 45 -5.55 -12.84 8.28
C PRO A 45 -5.29 -14.18 8.97
N THR A 46 -6.07 -14.53 9.99
CA THR A 46 -5.92 -15.81 10.71
C THR A 46 -6.44 -16.94 9.82
N ALA A 47 -7.34 -16.64 8.87
CA ALA A 47 -8.04 -17.65 8.02
C ALA A 47 -6.98 -18.35 7.15
N SER A 48 -7.10 -19.67 6.95
CA SER A 48 -6.20 -20.42 6.04
C SER A 48 -6.25 -19.79 4.65
N GLY A 49 -5.15 -19.96 3.90
CA GLY A 49 -4.97 -19.42 2.54
C GLY A 49 -3.57 -18.87 2.34
N THR A 50 -3.24 -18.51 1.11
CA THR A 50 -2.00 -17.75 0.76
C THR A 50 -2.47 -16.40 0.27
N TYR A 51 -1.90 -15.33 0.82
CA TYR A 51 -2.32 -13.92 0.57
C TYR A 51 -1.17 -13.14 -0.08
N GLY A 52 -1.52 -12.02 -0.72
CA GLY A 52 -0.56 -11.01 -1.16
C GLY A 52 0.13 -10.35 0.03
N ALA A 53 1.38 -9.94 -0.16
CA ALA A 53 2.21 -9.26 0.86
C ALA A 53 2.33 -7.78 0.50
N ILE A 54 2.12 -6.92 1.49
CA ILE A 54 2.17 -5.44 1.38
C ILE A 54 3.11 -4.97 2.48
N ALA A 55 4.11 -4.15 2.13
CA ALA A 55 4.95 -3.42 3.09
C ALA A 55 4.59 -1.95 2.97
N VAL A 56 4.43 -1.32 4.13
CA VAL A 56 3.95 0.08 4.29
C VAL A 56 5.01 0.85 5.08
N SER A 57 5.47 1.99 4.58
CA SER A 57 6.47 2.85 5.24
C SER A 57 5.80 4.10 5.79
N PRO A 58 6.06 4.39 7.06
CA PRO A 58 5.83 5.73 7.60
C PRO A 58 6.71 6.75 6.87
N GLY A 59 6.38 8.03 7.05
CA GLY A 59 7.20 9.15 6.59
C GLY A 59 8.22 9.54 7.65
N PHE A 60 8.81 10.70 7.41
CA PHE A 60 9.94 11.28 8.16
C PHE A 60 9.51 11.48 9.62
N THR A 61 10.21 10.79 10.52
CA THR A 61 10.01 10.73 12.00
C THR A 61 8.71 10.00 12.30
N GLY A 62 8.19 9.22 11.35
CA GLY A 62 6.98 8.38 11.51
C GLY A 62 7.36 7.03 12.08
N THR A 63 6.49 6.43 12.87
CA THR A 63 6.66 5.07 13.43
C THR A 63 5.51 4.23 12.92
N SER A 64 5.65 2.90 12.97
CA SER A 64 4.65 1.94 12.45
C SER A 64 3.28 2.28 13.07
N SER A 65 3.29 2.80 14.31
CA SER A 65 2.06 3.13 15.07
C SER A 65 1.27 4.23 14.37
N THR A 66 1.89 5.11 13.56
CA THR A 66 1.19 6.18 12.80
C THR A 66 0.46 5.59 11.57
N MET A 67 0.77 4.35 11.18
CA MET A 67 0.20 3.68 9.97
C MET A 67 -0.64 2.45 10.36
N THR A 68 -0.99 2.24 11.63
CA THR A 68 -1.73 1.02 12.09
C THR A 68 -3.08 0.91 11.35
N PHE A 69 -3.74 2.04 11.06
CA PHE A 69 -4.97 2.09 10.24
C PHE A 69 -4.79 1.22 8.99
N TRP A 70 -3.66 1.37 8.29
CA TRP A 70 -3.39 0.70 6.98
C TRP A 70 -3.12 -0.80 7.18
N GLY A 71 -2.38 -1.13 8.25
CA GLY A 71 -2.16 -2.51 8.71
C GLY A 71 -3.48 -3.23 8.85
N GLU A 72 -4.41 -2.64 9.60
CA GLU A 72 -5.67 -3.32 9.98
C GLU A 72 -6.59 -3.33 8.77
N ARG A 73 -6.68 -2.21 8.06
CA ARG A 73 -7.66 -2.00 6.96
C ARG A 73 -7.30 -2.94 5.82
N LEU A 74 -6.03 -3.02 5.43
CA LEU A 74 -5.58 -3.90 4.33
C LEU A 74 -5.62 -5.35 4.79
N ALA A 75 -5.02 -5.70 5.94
CA ALA A 75 -4.94 -7.12 6.35
C ALA A 75 -6.35 -7.70 6.51
N SER A 76 -7.29 -6.92 7.06
CA SER A 76 -8.67 -7.37 7.37
C SER A 76 -9.47 -7.59 6.07
N HIS A 77 -8.94 -7.18 4.89
CA HIS A 77 -9.52 -7.45 3.54
C HIS A 77 -8.65 -8.47 2.80
N GLY A 78 -7.86 -9.25 3.54
CA GLY A 78 -7.19 -10.43 2.98
C GLY A 78 -5.82 -10.11 2.41
N PHE A 79 -4.94 -9.46 3.17
CA PHE A 79 -3.50 -9.29 2.84
C PHE A 79 -2.65 -9.53 4.08
N VAL A 80 -1.43 -10.01 3.89
CA VAL A 80 -0.35 -9.98 4.93
C VAL A 80 0.33 -8.63 4.81
N VAL A 81 0.29 -7.82 5.88
CA VAL A 81 0.71 -6.40 5.81
C VAL A 81 1.76 -6.16 6.90
N LEU A 82 2.95 -5.73 6.51
CA LEU A 82 4.00 -5.36 7.48
C LEU A 82 4.15 -3.85 7.43
N VAL A 83 3.77 -3.19 8.51
CA VAL A 83 3.97 -1.74 8.68
C VAL A 83 5.38 -1.61 9.29
N ILE A 84 6.33 -1.10 8.51
CA ILE A 84 7.75 -1.05 8.98
C ILE A 84 7.94 0.16 9.91
N ASP A 85 8.91 0.00 10.79
CA ASP A 85 9.64 1.11 11.44
C ASP A 85 10.96 1.21 10.69
N THR A 86 11.48 2.43 10.55
CA THR A 86 12.74 2.69 9.80
C THR A 86 13.93 2.47 10.74
N ILE A 87 15.07 2.15 10.16
CA ILE A 87 16.32 1.91 10.94
C ILE A 87 16.59 3.16 11.80
N THR A 88 16.47 4.37 11.25
CA THR A 88 16.34 5.64 12.02
C THR A 88 15.09 6.41 11.57
N LEU A 89 14.62 7.30 12.44
CA LEU A 89 13.43 8.16 12.16
C LEU A 89 13.70 9.09 10.96
N TYR A 90 14.98 9.28 10.60
CA TYR A 90 15.50 10.35 9.72
C TYR A 90 15.84 9.79 8.34
N ASP A 91 15.55 8.52 8.11
CA ASP A 91 15.92 7.80 6.87
C ASP A 91 15.27 8.51 5.68
N GLN A 92 16.00 8.63 4.57
CA GLN A 92 15.54 9.34 3.36
C GLN A 92 14.67 8.39 2.53
N PRO A 93 13.92 8.89 1.53
CA PRO A 93 13.18 8.02 0.63
C PRO A 93 13.97 6.81 0.10
N ASP A 94 15.19 7.00 -0.37
CA ASP A 94 15.92 5.89 -1.03
C ASP A 94 16.07 4.77 0.02
N SER A 95 16.34 5.16 1.27
CA SER A 95 16.58 4.19 2.37
C SER A 95 15.27 3.51 2.73
N ARG A 96 14.17 4.28 2.75
CA ARG A 96 12.80 3.72 2.97
C ARG A 96 12.45 2.70 1.90
N ALA A 97 12.86 2.94 0.64
CA ALA A 97 12.66 2.03 -0.50
C ALA A 97 13.34 0.67 -0.25
N ARG A 98 14.62 0.73 0.11
CA ARG A 98 15.45 -0.47 0.45
C ARG A 98 14.83 -1.20 1.63
N GLN A 99 14.34 -0.47 2.63
CA GLN A 99 13.74 -1.08 3.86
C GLN A 99 12.39 -1.73 3.52
N LEU A 100 11.60 -1.15 2.62
CA LEU A 100 10.34 -1.78 2.12
C LEU A 100 10.66 -3.06 1.37
N LYS A 101 11.70 -3.05 0.52
CA LYS A 101 12.11 -4.26 -0.22
C LYS A 101 12.57 -5.32 0.79
N ALA A 102 13.33 -4.92 1.83
CA ALA A 102 13.82 -5.83 2.89
C ALA A 102 12.61 -6.44 3.61
N ALA A 103 11.63 -5.63 3.96
CA ALA A 103 10.42 -6.07 4.71
C ALA A 103 9.68 -7.10 3.87
N LEU A 104 9.53 -6.87 2.56
CA LEU A 104 8.90 -7.88 1.68
C LEU A 104 9.74 -9.16 1.61
N ASP A 105 11.06 -9.07 1.51
CA ASP A 105 11.92 -10.28 1.47
C ASP A 105 11.80 -11.03 2.79
N TYR A 106 11.68 -10.30 3.89
CA TYR A 106 11.49 -10.85 5.25
C TYR A 106 10.17 -11.65 5.27
N LEU A 107 9.12 -11.11 4.67
CA LEU A 107 7.79 -11.76 4.62
C LEU A 107 7.91 -13.07 3.83
N ALA A 108 8.62 -13.05 2.69
CA ALA A 108 8.94 -14.24 1.87
C ALA A 108 9.74 -15.27 2.67
N THR A 109 10.76 -14.85 3.42
CA THR A 109 11.60 -15.77 4.26
C THR A 109 10.72 -16.39 5.36
N GLN A 110 9.92 -15.57 6.04
CA GLN A 110 9.08 -16.03 7.17
C GLN A 110 8.04 -17.02 6.66
N ASN A 111 7.49 -16.76 5.46
CA ASN A 111 6.55 -17.67 4.79
C ASN A 111 7.05 -19.11 4.84
N GLY A 112 8.38 -19.32 4.77
CA GLY A 112 9.00 -20.64 4.60
C GLY A 112 9.45 -21.26 5.93
N ARG A 113 9.14 -20.62 7.05
CA ARG A 113 9.63 -21.05 8.39
C ARG A 113 8.42 -21.50 9.22
N SER A 114 8.40 -22.75 9.68
CA SER A 114 7.27 -23.32 10.45
C SER A 114 7.20 -22.72 11.87
N SER A 115 8.27 -22.02 12.27
CA SER A 115 8.35 -21.17 13.49
C SER A 115 7.43 -19.95 13.39
N SER A 116 7.08 -19.52 12.17
CA SER A 116 6.43 -18.21 11.89
C SER A 116 4.91 -18.37 11.92
N PRO A 117 4.21 -17.42 12.58
CA PRO A 117 2.75 -17.34 12.51
C PRO A 117 2.23 -17.19 11.07
N ILE A 118 3.05 -16.64 10.15
CA ILE A 118 2.63 -16.50 8.73
C ILE A 118 3.23 -17.61 7.86
N TYR A 119 3.63 -18.75 8.45
CA TYR A 119 4.10 -19.95 7.69
C TYR A 119 3.07 -20.31 6.62
N ARG A 120 3.53 -20.35 5.37
CA ARG A 120 2.74 -20.75 4.17
C ARG A 120 1.51 -19.83 3.99
N LYS A 121 1.52 -18.62 4.54
CA LYS A 121 0.36 -17.69 4.48
C LYS A 121 0.60 -16.64 3.38
N VAL A 122 1.80 -16.59 2.82
CA VAL A 122 2.16 -15.52 1.84
C VAL A 122 2.37 -16.16 0.47
N ASP A 123 1.76 -15.57 -0.55
CA ASP A 123 2.15 -15.79 -1.96
C ASP A 123 3.33 -14.86 -2.25
N THR A 124 4.54 -15.38 -2.20
CA THR A 124 5.77 -14.56 -2.33
C THR A 124 5.92 -14.00 -3.75
N SER A 125 5.01 -14.33 -4.68
CA SER A 125 5.03 -13.83 -6.07
C SER A 125 4.17 -12.57 -6.20
N ARG A 126 3.46 -12.16 -5.14
CA ARG A 126 2.45 -11.07 -5.18
C ARG A 126 2.72 -10.09 -4.05
N ARG A 127 3.51 -9.07 -4.35
CA ARG A 127 4.04 -8.13 -3.34
C ARG A 127 3.62 -6.74 -3.81
N ALA A 128 3.34 -5.86 -2.86
CA ALA A 128 3.00 -4.46 -3.16
C ALA A 128 3.67 -3.57 -2.12
N VAL A 129 3.81 -2.29 -2.45
CA VAL A 129 4.37 -1.33 -1.47
C VAL A 129 3.39 -0.15 -1.29
N ALA A 130 3.48 0.51 -0.15
CA ALA A 130 2.75 1.75 0.15
C ALA A 130 3.54 2.53 1.19
N GLY A 131 3.22 3.80 1.34
CA GLY A 131 3.78 4.60 2.44
C GLY A 131 3.37 6.06 2.35
N HIS A 132 3.63 6.77 3.43
CA HIS A 132 3.19 8.17 3.64
C HIS A 132 4.43 9.06 3.52
N ALA A 133 4.31 10.11 2.70
CA ALA A 133 5.31 11.18 2.50
C ALA A 133 6.62 10.56 2.00
N MET A 134 7.72 10.66 2.76
CA MET A 134 9.02 10.06 2.38
C MET A 134 8.86 8.55 2.25
N GLY A 135 7.97 7.94 3.04
CA GLY A 135 7.56 6.53 2.86
C GLY A 135 6.82 6.33 1.55
N GLY A 136 6.08 7.34 1.07
CA GLY A 136 5.46 7.35 -0.27
C GLY A 136 6.51 7.33 -1.36
N GLY A 137 7.45 8.29 -1.34
CA GLY A 137 8.62 8.30 -2.22
C GLY A 137 9.37 6.99 -2.14
N GLY A 138 9.63 6.51 -0.93
CA GLY A 138 10.22 5.17 -0.70
C GLY A 138 9.46 4.12 -1.50
N SER A 139 8.14 4.03 -1.31
CA SER A 139 7.30 2.98 -1.98
C SER A 139 7.51 3.07 -3.50
N LEU A 140 7.56 4.29 -4.03
CA LEU A 140 7.57 4.50 -5.50
C LEU A 140 8.94 4.13 -6.05
N LEU A 141 10.02 4.43 -5.30
CA LEU A 141 11.41 4.04 -5.66
C LEU A 141 11.55 2.51 -5.60
N ALA A 142 10.95 1.88 -4.60
CA ALA A 142 10.93 0.40 -4.47
C ALA A 142 10.28 -0.16 -5.72
N ALA A 143 9.10 0.35 -6.08
CA ALA A 143 8.30 -0.14 -7.24
C ALA A 143 9.06 0.08 -8.55
N ARG A 144 9.77 1.20 -8.64
CA ARG A 144 10.65 1.51 -9.80
C ARG A 144 11.70 0.40 -9.91
N ASP A 145 12.40 0.14 -8.82
CA ASP A 145 13.57 -0.76 -8.79
C ASP A 145 13.08 -2.20 -8.91
N ASN A 146 11.81 -2.48 -8.58
CA ASN A 146 11.29 -3.88 -8.46
C ASN A 146 10.00 -4.03 -9.24
N PRO A 147 10.05 -3.98 -10.60
CA PRO A 147 8.84 -3.99 -11.43
C PRO A 147 7.97 -5.25 -11.31
N SER A 148 8.50 -6.32 -10.70
CA SER A 148 7.73 -7.55 -10.39
C SER A 148 6.62 -7.24 -9.38
N TYR A 149 6.76 -6.15 -8.60
CA TYR A 149 5.78 -5.77 -7.55
C TYR A 149 4.46 -5.48 -8.27
N LYS A 150 3.33 -5.75 -7.60
CA LYS A 150 2.01 -5.79 -8.28
C LYS A 150 1.36 -4.41 -8.19
N ALA A 151 1.77 -3.59 -7.23
CA ALA A 151 1.08 -2.32 -6.91
C ALA A 151 1.93 -1.45 -6.01
N ALA A 152 1.80 -0.13 -6.15
CA ALA A 152 2.33 0.87 -5.22
C ALA A 152 1.23 1.88 -4.87
N ILE A 153 1.16 2.28 -3.61
CA ILE A 153 0.27 3.38 -3.19
C ILE A 153 1.09 4.36 -2.37
N PRO A 154 1.75 5.32 -3.05
CA PRO A 154 2.37 6.48 -2.38
C PRO A 154 1.30 7.48 -1.94
N MET A 155 1.28 7.79 -0.65
CA MET A 155 0.23 8.64 -0.04
C MET A 155 0.90 9.94 0.44
N ALA A 156 0.55 11.06 -0.19
CA ALA A 156 1.20 12.37 0.01
C ALA A 156 2.69 12.25 -0.30
N PRO A 157 3.08 11.61 -1.42
CA PRO A 157 4.49 11.31 -1.67
C PRO A 157 5.34 12.58 -1.63
N TRP A 158 6.51 12.42 -1.04
CA TRP A 158 7.66 13.35 -1.05
C TRP A 158 8.89 12.64 -1.65
N ALA A 159 9.64 13.37 -2.49
CA ALA A 159 10.99 13.01 -2.99
C ALA A 159 11.69 14.30 -3.40
N THR A 160 13.00 14.30 -3.51
CA THR A 160 13.82 15.46 -3.96
C THR A 160 13.74 15.60 -5.49
N SER A 161 13.25 14.58 -6.21
CA SER A 161 13.11 14.62 -7.70
C SER A 161 11.89 13.83 -8.18
N SER A 162 11.09 14.44 -9.05
CA SER A 162 9.95 13.77 -9.72
C SER A 162 10.46 12.94 -10.92
N THR A 163 11.53 13.36 -11.60
CA THR A 163 12.05 12.69 -12.83
C THR A 163 12.60 11.28 -12.48
N ALA A 164 12.85 11.03 -11.20
CA ALA A 164 13.26 9.71 -10.66
C ALA A 164 12.23 8.63 -11.00
N PHE A 165 10.96 8.99 -11.24
CA PHE A 165 9.82 8.07 -11.41
C PHE A 165 9.40 7.88 -12.87
N ARG A 166 10.22 8.30 -13.83
CA ARG A 166 9.89 8.27 -15.29
C ARG A 166 9.99 6.85 -15.84
N THR A 167 10.45 5.88 -15.06
CA THR A 167 10.52 4.45 -15.46
C THR A 167 9.59 3.54 -14.62
N VAL A 168 8.78 4.09 -13.71
CA VAL A 168 7.82 3.30 -12.89
C VAL A 168 6.91 2.47 -13.80
N SER A 169 6.91 1.16 -13.55
CA SER A 169 6.20 0.14 -14.36
C SER A 169 5.23 -0.68 -13.50
N VAL A 170 4.93 -0.21 -12.30
CA VAL A 170 4.02 -0.86 -11.32
C VAL A 170 2.77 0.01 -11.23
N PRO A 171 1.57 -0.61 -11.27
CA PRO A 171 0.30 0.10 -11.14
C PRO A 171 0.33 0.92 -9.86
N THR A 172 0.24 2.24 -10.01
CA THR A 172 0.51 3.22 -8.93
C THR A 172 -0.74 4.07 -8.71
N MET A 173 -1.29 4.01 -7.51
CA MET A 173 -2.36 4.92 -7.04
C MET A 173 -1.69 5.91 -6.08
N ILE A 174 -1.69 7.21 -6.41
CA ILE A 174 -1.18 8.29 -5.52
C ILE A 174 -2.37 9.00 -4.86
N PHE A 175 -2.29 9.19 -3.55
CA PHE A 175 -3.18 10.08 -2.76
C PHE A 175 -2.49 11.44 -2.58
N GLY A 176 -3.22 12.52 -2.88
CA GLY A 176 -2.84 13.90 -2.53
C GLY A 176 -3.76 14.50 -1.47
N CYS A 177 -3.24 15.41 -0.63
CA CYS A 177 -4.02 16.34 0.23
C CYS A 177 -3.87 17.74 -0.36
N GLN A 178 -4.97 18.33 -0.85
CA GLN A 178 -4.99 19.62 -1.60
C GLN A 178 -4.17 20.68 -0.85
N ASP A 179 -4.39 20.84 0.46
CA ASP A 179 -3.67 21.82 1.33
C ASP A 179 -2.51 21.11 2.04
N ASP A 180 -1.50 20.68 1.28
CA ASP A 180 -0.20 20.16 1.82
C ASP A 180 0.80 21.32 1.87
N SER A 188 3.89 18.44 -5.26
CA SER A 188 4.88 17.33 -5.19
C SER A 188 4.27 16.02 -5.73
N ALA A 189 3.07 15.66 -5.29
CA ALA A 189 2.36 14.42 -5.70
C ALA A 189 2.02 14.47 -7.20
N ILE A 190 1.70 15.65 -7.75
CA ILE A 190 1.28 15.71 -9.18
C ILE A 190 2.49 15.57 -10.08
N PRO A 191 3.58 16.34 -9.88
CA PRO A 191 4.80 16.12 -10.67
C PRO A 191 5.20 14.63 -10.64
N ILE A 192 5.06 13.98 -9.49
CA ILE A 192 5.38 12.53 -9.38
C ILE A 192 4.45 11.74 -10.31
N TYR A 193 3.13 11.97 -10.21
CA TYR A 193 2.13 11.25 -11.05
C TYR A 193 2.44 11.51 -12.53
N ASN A 194 2.71 12.77 -12.91
CA ASN A 194 2.98 13.18 -14.31
C ASN A 194 4.24 12.46 -14.85
N ALA A 195 5.21 12.18 -13.98
CA ALA A 195 6.51 11.56 -14.36
C ALA A 195 6.33 10.06 -14.65
N ILE A 196 5.32 9.42 -14.06
CA ILE A 196 5.08 7.97 -14.31
C ILE A 196 4.70 7.78 -15.77
N PRO A 197 5.36 6.84 -16.49
CA PRO A 197 5.00 6.54 -17.87
C PRO A 197 3.49 6.33 -18.01
N ASN A 198 2.88 7.01 -18.98
CA ASN A 198 1.43 6.88 -19.27
C ASN A 198 1.08 5.46 -19.74
N SER A 199 2.07 4.65 -20.10
CA SER A 199 1.89 3.19 -20.35
C SER A 199 1.72 2.44 -19.03
N THR A 200 2.06 3.06 -17.89
CA THR A 200 1.88 2.44 -16.55
C THR A 200 0.48 2.75 -16.04
N ARG A 201 -0.27 1.73 -15.61
CA ARG A 201 -1.61 1.89 -15.00
C ARG A 201 -1.44 2.79 -13.77
N LYS A 202 -2.04 3.98 -13.78
CA LYS A 202 -1.87 4.95 -12.68
C LYS A 202 -3.16 5.69 -12.39
N ASN A 203 -3.19 6.28 -11.20
CA ASN A 203 -4.40 6.87 -10.62
C ASN A 203 -3.96 7.86 -9.56
N TYR A 204 -4.48 9.09 -9.64
CA TYR A 204 -4.23 10.13 -8.62
C TYR A 204 -5.58 10.54 -8.02
N VAL A 205 -5.68 10.56 -6.70
CA VAL A 205 -6.89 11.04 -5.98
C VAL A 205 -6.40 12.05 -4.96
N GLU A 206 -6.89 13.28 -5.09
CA GLU A 206 -6.60 14.42 -4.19
C GLU A 206 -7.77 14.62 -3.21
N ILE A 207 -7.53 14.28 -1.95
CA ILE A 207 -8.41 14.59 -0.80
C ILE A 207 -8.34 16.09 -0.51
N ARG A 208 -9.45 16.69 -0.07
CA ARG A 208 -9.47 18.06 0.54
C ARG A 208 -10.19 18.00 1.89
N ASP A 211 -4.61 17.97 6.05
CA ASP A 211 -3.18 18.16 6.40
C ASP A 211 -2.31 17.51 5.32
N HIS A 212 -0.98 17.53 5.52
CA HIS A 212 -0.02 16.59 4.87
C HIS A 212 -0.38 15.17 5.32
N LEU A 213 -0.68 15.02 6.61
CA LEU A 213 -1.15 13.76 7.26
C LEU A 213 -2.69 13.75 7.26
N CYS A 214 -3.29 13.85 6.07
CA CYS A 214 -4.72 13.57 5.80
C CYS A 214 -4.87 12.07 5.43
N VAL A 215 -3.76 11.44 5.04
CA VAL A 215 -3.62 10.00 4.63
C VAL A 215 -3.16 9.16 5.83
N MET A 216 -2.62 9.82 6.87
CA MET A 216 -2.01 9.17 8.07
C MET A 216 -3.13 8.76 9.04
N ASN A 217 -2.94 7.63 9.75
CA ASN A 217 -3.94 6.97 10.63
C ASN A 217 -5.20 7.84 10.81
N GLY A 219 -6.24 11.48 10.14
CA GLY A 219 -6.42 11.81 8.71
C GLY A 219 -7.84 12.24 8.41
N GLY A 220 -8.83 11.42 8.80
CA GLY A 220 -10.26 11.76 8.81
C GLY A 220 -10.96 11.48 7.49
N HIS A 221 -10.21 11.12 6.43
CA HIS A 221 -10.74 10.66 5.13
C HIS A 221 -10.50 9.16 5.03
N ASP A 222 -10.34 8.52 6.20
CA ASP A 222 -10.02 7.09 6.40
C ASP A 222 -10.97 6.24 5.55
N ALA A 223 -12.27 6.50 5.64
CA ALA A 223 -13.32 5.79 4.86
C ALA A 223 -12.92 5.75 3.38
N THR A 224 -12.77 6.92 2.76
CA THR A 224 -12.59 7.06 1.29
C THR A 224 -11.20 6.54 0.88
N LEU A 225 -10.16 7.00 1.57
CA LEU A 225 -8.77 6.57 1.24
C LEU A 225 -8.63 5.06 1.45
N GLY A 226 -9.15 4.54 2.55
CA GLY A 226 -9.12 3.09 2.82
C GLY A 226 -9.78 2.29 1.69
N LYS A 227 -10.95 2.74 1.25
CA LYS A 227 -11.77 2.08 0.20
C LYS A 227 -10.96 2.02 -1.09
N LEU A 228 -10.44 3.17 -1.49
CA LEU A 228 -9.60 3.33 -2.70
C LEU A 228 -8.37 2.43 -2.61
N GLY A 229 -7.67 2.45 -1.48
CA GLY A 229 -6.48 1.62 -1.22
C GLY A 229 -6.78 0.13 -1.23
N ILE A 230 -7.76 -0.35 -0.46
CA ILE A 230 -8.08 -1.80 -0.47
C ILE A 230 -8.36 -2.19 -1.93
N SER A 231 -9.12 -1.35 -2.63
CA SER A 231 -9.63 -1.60 -4.00
C SER A 231 -8.43 -1.76 -4.94
N TRP A 232 -7.41 -0.93 -4.73
CA TRP A 232 -6.21 -0.91 -5.62
C TRP A 232 -5.41 -2.18 -5.40
N MET A 233 -5.17 -2.54 -4.14
CA MET A 233 -4.48 -3.80 -3.77
C MET A 233 -5.29 -5.00 -4.28
N LYS A 234 -6.61 -5.02 -4.13
CA LYS A 234 -7.43 -6.14 -4.64
C LYS A 234 -7.24 -6.27 -6.14
N ARG A 235 -7.42 -5.15 -6.84
CA ARG A 235 -7.44 -5.12 -8.31
C ARG A 235 -6.08 -5.62 -8.85
N PHE A 236 -4.99 -5.28 -8.18
CA PHE A 236 -3.62 -5.45 -8.75
C PHE A 236 -2.84 -6.56 -8.06
N VAL A 237 -2.88 -6.66 -6.74
CA VAL A 237 -2.15 -7.74 -5.99
C VAL A 237 -2.90 -9.06 -6.24
N ASP A 238 -4.23 -9.03 -6.23
CA ASP A 238 -5.08 -10.24 -6.39
C ASP A 238 -5.61 -10.40 -7.83
N ASN A 239 -5.37 -9.44 -8.73
CA ASN A 239 -5.97 -9.38 -10.10
C ASN A 239 -7.49 -9.43 -10.02
N ASP A 240 -8.03 -8.79 -9.00
CA ASP A 240 -9.46 -8.93 -8.62
C ASP A 240 -10.24 -7.89 -9.41
N THR A 241 -10.69 -8.23 -10.61
CA THR A 241 -11.41 -7.31 -11.53
C THR A 241 -12.80 -7.02 -10.97
N ARG A 242 -13.22 -7.66 -9.87
CA ARG A 242 -14.48 -7.24 -9.17
C ARG A 242 -14.36 -5.80 -8.68
N TYR A 243 -13.14 -5.31 -8.46
CA TYR A 243 -12.85 -3.96 -7.92
C TYR A 243 -12.69 -2.90 -9.03
N SER A 244 -12.77 -3.27 -10.30
CA SER A 244 -12.65 -2.31 -11.42
C SER A 244 -13.62 -1.14 -11.23
N PRO A 245 -14.91 -1.37 -10.84
CA PRO A 245 -15.82 -0.26 -10.60
C PRO A 245 -15.34 0.74 -9.54
N PHE A 246 -14.48 0.27 -8.62
CA PHE A 246 -13.99 1.02 -7.44
C PHE A 246 -12.69 1.77 -7.75
N VAL A 247 -11.92 1.40 -8.79
CA VAL A 247 -10.67 2.12 -9.20
C VAL A 247 -10.83 2.84 -10.55
N CYS A 248 -11.78 2.44 -11.41
CA CYS A 248 -11.99 3.03 -12.76
C CYS A 248 -13.45 3.33 -13.08
N GLY A 249 -14.41 2.50 -12.66
CA GLY A 249 -15.82 2.62 -13.06
C GLY A 249 -16.66 3.54 -12.19
N ALA A 250 -17.96 3.24 -12.15
CA ALA A 250 -19.05 4.08 -11.62
C ALA A 250 -18.85 4.41 -10.14
N GLU A 251 -18.27 3.50 -9.34
CA GLU A 251 -18.11 3.75 -7.89
C GLU A 251 -16.99 4.78 -7.69
N TYR A 252 -15.84 4.53 -8.31
CA TYR A 252 -14.68 5.46 -8.34
C TYR A 252 -15.19 6.85 -8.77
N ASN A 253 -15.95 6.90 -9.86
CA ASN A 253 -16.46 8.17 -10.44
C ASN A 253 -17.35 8.84 -9.37
N ARG A 254 -18.16 8.08 -8.62
CA ARG A 254 -18.96 8.63 -7.48
C ARG A 254 -18.02 9.24 -6.44
N VAL A 255 -17.05 8.46 -5.96
CA VAL A 255 -16.03 8.93 -4.95
C VAL A 255 -15.39 10.21 -5.48
N VAL A 256 -14.89 10.16 -6.71
CA VAL A 256 -14.06 11.25 -7.31
C VAL A 256 -14.88 12.53 -7.49
N SER A 257 -16.20 12.43 -7.70
CA SER A 257 -17.14 13.53 -8.03
C SER A 257 -17.55 14.31 -6.77
N SER A 258 -17.57 13.64 -5.61
CA SER A 258 -17.99 14.17 -4.29
C SER A 258 -17.19 15.42 -3.93
N GLU A 260 -15.23 16.15 -1.30
CA GLU A 260 -14.15 15.45 -0.52
C GLU A 260 -12.91 15.22 -1.39
N VAL A 261 -13.11 14.83 -2.66
CA VAL A 261 -12.04 14.72 -3.69
C VAL A 261 -12.04 16.03 -4.49
N SER A 262 -10.94 16.76 -4.46
CA SER A 262 -10.82 18.07 -5.16
C SER A 262 -10.49 17.81 -6.64
N ARG A 263 -9.73 16.74 -6.90
CA ARG A 263 -9.12 16.44 -8.22
C ARG A 263 -8.75 14.96 -8.28
N SER A 264 -8.75 14.40 -9.48
CA SER A 264 -8.26 13.04 -9.75
C SER A 264 -7.86 12.93 -11.21
N TYR A 265 -6.81 12.16 -11.48
CA TYR A 265 -6.36 11.78 -12.83
C TYR A 265 -6.27 10.27 -12.86
N ASN A 266 -6.43 9.71 -14.04
CA ASN A 266 -6.06 8.29 -14.23
C ASN A 266 -5.89 8.10 -15.72
N ASN A 267 -5.36 6.95 -16.09
CA ASN A 267 -5.40 6.46 -17.49
C ASN A 267 -6.31 5.23 -17.51
N CYS A 268 -7.44 5.26 -16.80
CA CYS A 268 -8.49 4.21 -16.90
C CYS A 268 -8.94 4.15 -18.35
N PRO A 269 -9.55 3.04 -18.84
CA PRO A 269 -9.62 1.78 -18.11
C PRO A 269 -8.32 0.96 -18.13
N TYR A 270 -8.20 0.00 -17.22
CA TYR A 270 -6.99 -0.85 -17.01
C TYR A 270 -7.18 -2.19 -17.73
#